data_7ZWL
#
_entry.id   7ZWL
#
_cell.length_a   92.969
_cell.length_b   92.969
_cell.length_c   203.905
_cell.angle_alpha   90.000
_cell.angle_beta   90.000
_cell.angle_gamma   120.000
#
_symmetry.space_group_name_H-M   'P 65 2 2'
#
loop_
_entity.id
_entity.type
_entity.pdbx_description
1 polymer 'Stimulator of interferon protein'
2 polymer 'Ubiquitin-like protein SMT3'
3 non-polymer 9-[(1~{R},6~{R},8~{R},9~{S},10~{R},15~{R},17~{R},18~{S})-17-(6-aminopurin-9-yl)-9,18-bis(fluoranyl)-3,12-bis(oxidanyl)-3,12-bis(oxidanylidene)-2,4,11,13-tetraoxa-3$l^{5},12$l^{5}-diphosphatricyclo[13.3.0.0^{6,10}]octadecan-8-yl]purin-6-amine
4 water water
#
loop_
_entity_poly.entity_id
_entity_poly.type
_entity_poly.pdbx_seq_one_letter_code
_entity_poly.pdbx_strand_id
1 'polypeptide(L)'
;APAEISAVCEKGNFNVAHGLAWSYYIGYLRLILPELQARIRTYNQHYNNLLRGAVSQRLYILLPLDCGVPDNLSMADPNI
RFLDKLPQQTGDRAGIKDRVYSNSIYELLENGQRAGTCVLEYATPLQTLFAMSQYSQAGFSREDRLEQAKLFCRTLEDIL
ADAPESQNNCRLIAYQEPADDSSFSLSQEVLRHLRQEEKEEVTV
;
A,B
2 'polypeptide(L)'
;GSDSEVNQEAKPEVKPEVKPETHINLKVSDGSSEIFFKIKKTTPLRRLMEAFAKRQGKEMDSLRFLYDGIRIQADQTPED
LDMEDNDIIEAHREQIGG
;
C
#
# COMPACT_ATOMS: atom_id res chain seq x y z
N ASN A 15 2.37 4.37 15.35
CA ASN A 15 0.98 4.22 14.94
C ASN A 15 0.79 4.31 13.43
N VAL A 16 -0.48 4.25 12.99
CA VAL A 16 -0.76 4.18 11.56
C VAL A 16 -0.20 5.40 10.84
N ALA A 17 -0.52 6.58 11.35
CA ALA A 17 -0.15 7.81 10.65
C ALA A 17 1.35 7.88 10.44
N HIS A 18 2.13 7.44 11.44
CA HIS A 18 3.58 7.52 11.35
C HIS A 18 4.11 6.71 10.18
N GLY A 19 3.61 5.50 10.00
CA GLY A 19 4.03 4.71 8.86
C GLY A 19 3.64 5.34 7.53
N LEU A 20 2.41 5.85 7.44
CA LEU A 20 1.96 6.39 6.17
C LEU A 20 2.71 7.66 5.80
N ALA A 21 3.05 8.49 6.80
CA ALA A 21 3.79 9.72 6.52
C ALA A 21 5.22 9.42 6.07
N TRP A 22 5.89 8.48 6.74
CA TRP A 22 7.21 8.09 6.27
C TRP A 22 7.16 7.47 4.87
N SER A 23 6.11 6.69 4.58
CA SER A 23 6.02 6.09 3.24
C SER A 23 5.77 7.16 2.19
N TYR A 24 5.05 8.23 2.56
CA TYR A 24 4.80 9.33 1.63
C TYR A 24 6.09 10.05 1.29
N TYR A 25 6.98 10.21 2.27
CA TYR A 25 8.26 10.85 2.00
C TYR A 25 9.20 9.90 1.26
N ILE A 26 9.41 8.70 1.83
CA ILE A 26 10.38 7.75 1.28
C ILE A 26 9.98 7.31 -0.12
N GLY A 27 8.70 7.03 -0.34
CA GLY A 27 8.23 6.48 -1.60
C GLY A 27 7.78 7.48 -2.63
N TYR A 28 7.69 8.77 -2.28
CA TYR A 28 7.26 9.75 -3.27
C TYR A 28 8.02 11.07 -3.24
N LEU A 29 7.91 11.82 -2.14
CA LEU A 29 8.40 13.20 -2.16
C LEU A 29 9.91 13.25 -2.31
N ARG A 30 10.62 12.41 -1.56
CA ARG A 30 12.07 12.32 -1.69
C ARG A 30 12.48 12.00 -3.12
N LEU A 31 11.62 11.32 -3.87
CA LEU A 31 11.95 10.88 -5.22
C LEU A 31 11.63 11.93 -6.28
N ILE A 32 10.55 12.70 -6.12
CA ILE A 32 10.11 13.59 -7.19
C ILE A 32 10.42 15.05 -6.92
N LEU A 33 10.58 15.45 -5.67
CA LEU A 33 10.75 16.88 -5.43
C LEU A 33 12.07 17.35 -6.05
N PRO A 34 13.19 16.62 -5.92
CA PRO A 34 14.44 17.09 -6.56
C PRO A 34 14.32 17.33 -8.05
N GLU A 35 13.60 16.49 -8.77
CA GLU A 35 13.48 16.65 -10.21
C GLU A 35 12.30 17.51 -10.63
N LEU A 36 11.53 18.05 -9.68
CA LEU A 36 10.30 18.74 -10.09
C LEU A 36 10.61 19.98 -10.90
N GLN A 37 11.65 20.73 -10.51
CA GLN A 37 11.92 22.01 -11.18
C GLN A 37 12.18 21.81 -12.66
N ALA A 38 13.02 20.83 -13.00
CA ALA A 38 13.32 20.58 -14.40
C ALA A 38 12.06 20.25 -15.19
N ARG A 39 11.18 19.41 -14.63
CA ARG A 39 9.98 19.00 -15.36
C ARG A 39 9.07 20.20 -15.61
N ILE A 40 9.04 21.17 -14.70
CA ILE A 40 8.21 22.34 -14.92
C ILE A 40 8.80 23.22 -16.02
N ARG A 41 10.14 23.38 -16.03
CA ARG A 41 10.77 24.14 -17.09
C ARG A 41 10.48 23.49 -18.44
N THR A 42 10.75 22.19 -18.56
CA THR A 42 10.49 21.49 -19.81
C THR A 42 9.08 21.79 -20.29
N TYR A 43 8.11 21.80 -19.38
CA TYR A 43 6.73 22.08 -19.78
C TYR A 43 6.57 23.51 -20.27
N ASN A 44 7.26 24.46 -19.64
CA ASN A 44 7.04 25.87 -19.96
C ASN A 44 7.39 26.17 -21.41
N GLN A 45 8.55 25.69 -21.86
CA GLN A 45 9.02 25.97 -23.22
C GLN A 45 8.02 25.48 -24.26
N HIS A 46 7.51 24.27 -24.09
CA HIS A 46 6.36 23.84 -24.85
C HIS A 46 5.16 24.70 -24.44
N TYR A 47 4.36 25.09 -25.43
CA TYR A 47 3.32 26.12 -25.28
C TYR A 47 3.93 27.51 -25.25
N ASN A 48 5.21 27.67 -25.62
CA ASN A 48 5.83 28.97 -25.86
C ASN A 48 6.02 29.80 -24.59
N ASN A 49 6.09 29.14 -23.42
CA ASN A 49 6.34 29.80 -22.14
C ASN A 49 5.34 30.92 -21.86
N VAL A 55 5.93 31.01 -7.70
CA VAL A 55 5.01 30.33 -6.80
C VAL A 55 4.47 29.06 -7.45
N SER A 56 4.23 29.10 -8.74
CA SER A 56 3.76 27.97 -9.50
C SER A 56 4.82 26.89 -9.69
N GLN A 57 5.98 26.95 -9.02
CA GLN A 57 7.00 25.93 -9.14
C GLN A 57 7.08 25.01 -7.92
N ARG A 58 6.13 25.09 -7.01
CA ARG A 58 6.06 24.18 -5.87
C ARG A 58 4.98 23.13 -6.14
N LEU A 59 5.09 21.99 -5.47
CA LEU A 59 4.01 21.01 -5.49
C LEU A 59 3.04 21.34 -4.36
N TYR A 60 1.79 21.59 -4.70
CA TYR A 60 0.75 21.90 -3.73
C TYR A 60 -0.04 20.63 -3.42
N ILE A 61 -0.08 20.29 -2.12
CA ILE A 61 -0.60 19.02 -1.63
C ILE A 61 -1.78 19.30 -0.72
N LEU A 62 -2.97 18.89 -1.15
CA LEU A 62 -4.18 19.07 -0.38
C LEU A 62 -4.31 17.99 0.68
N LEU A 63 -4.62 18.39 1.92
CA LEU A 63 -4.77 17.49 3.06
C LEU A 63 -6.07 17.80 3.78
N PRO A 64 -7.19 17.34 3.24
CA PRO A 64 -8.46 17.46 3.96
C PRO A 64 -8.41 16.62 5.24
N LEU A 65 -8.64 17.28 6.38
CA LEU A 65 -8.44 16.61 7.66
C LEU A 65 -9.51 15.59 7.97
N ASP A 66 -10.66 15.63 7.27
CA ASP A 66 -11.62 14.52 7.38
C ASP A 66 -11.27 13.35 6.48
N CYS A 67 -10.19 13.43 5.71
CA CYS A 67 -9.69 12.38 4.83
C CYS A 67 -10.61 12.07 3.66
N GLY A 68 -11.64 12.88 3.41
CA GLY A 68 -12.45 12.70 2.22
C GLY A 68 -11.67 13.19 1.02
N VAL A 69 -11.22 12.28 0.17
CA VAL A 69 -10.30 12.62 -0.91
C VAL A 69 -10.89 12.16 -2.25
N PRO A 70 -11.53 13.04 -3.01
CA PRO A 70 -12.00 12.67 -4.34
C PRO A 70 -10.86 12.37 -5.28
N ASP A 71 -11.14 11.55 -6.30
CA ASP A 71 -10.12 11.27 -7.28
C ASP A 71 -10.05 12.32 -8.38
N ASN A 72 -11.16 13.01 -8.68
CA ASN A 72 -11.23 13.98 -9.77
C ASN A 72 -11.38 15.38 -9.18
N LEU A 73 -10.33 16.19 -9.30
CA LEU A 73 -10.35 17.51 -8.70
C LEU A 73 -11.39 18.41 -9.37
N SER A 74 -11.54 18.29 -10.68
CA SER A 74 -12.45 19.17 -11.40
C SER A 74 -13.90 18.95 -10.96
N MET A 75 -14.28 17.71 -10.65
CA MET A 75 -15.64 17.46 -10.21
C MET A 75 -15.83 17.85 -8.76
N ALA A 76 -14.76 18.15 -8.03
CA ALA A 76 -14.89 18.57 -6.65
C ALA A 76 -15.12 20.06 -6.53
N ASP A 77 -14.60 20.85 -7.45
CA ASP A 77 -14.75 22.29 -7.40
C ASP A 77 -14.78 22.80 -8.83
N PRO A 78 -15.86 23.46 -9.25
CA PRO A 78 -15.92 23.95 -10.63
C PRO A 78 -14.76 24.86 -10.97
N ASN A 79 -14.30 25.68 -10.02
CA ASN A 79 -13.25 26.66 -10.25
C ASN A 79 -11.85 26.06 -10.21
N ILE A 80 -11.73 24.74 -10.18
CA ILE A 80 -10.45 24.07 -10.36
C ILE A 80 -10.56 23.25 -11.63
N ARG A 81 -9.68 23.52 -12.58
CA ARG A 81 -9.81 22.94 -13.90
C ARG A 81 -8.47 22.43 -14.39
N PHE A 82 -8.48 21.19 -14.86
CA PHE A 82 -7.27 20.54 -15.34
C PHE A 82 -6.75 21.24 -16.59
N LEU A 83 -5.43 21.36 -16.67
CA LEU A 83 -4.76 22.06 -17.74
C LEU A 83 -3.90 21.13 -18.58
N ASP A 84 -2.98 20.41 -17.94
CA ASP A 84 -2.10 19.48 -18.64
C ASP A 84 -1.32 18.70 -17.59
N LYS A 85 -0.54 17.74 -18.07
CA LYS A 85 0.35 16.95 -17.25
C LYS A 85 1.78 17.39 -17.51
N LEU A 86 2.59 17.33 -16.46
CA LEU A 86 4.02 17.48 -16.64
C LEU A 86 4.56 16.28 -17.41
N PRO A 87 5.76 16.41 -17.99
CA PRO A 87 6.46 15.22 -18.45
C PRO A 87 6.59 14.25 -17.29
N GLN A 88 6.49 12.96 -17.59
CA GLN A 88 6.56 11.99 -16.52
C GLN A 88 8.01 11.72 -16.14
N GLN A 89 8.18 11.11 -14.98
CA GLN A 89 9.46 10.66 -14.46
C GLN A 89 9.34 9.18 -14.13
N THR A 90 10.43 8.43 -14.30
CA THR A 90 10.40 6.99 -14.09
C THR A 90 11.60 6.54 -13.26
N GLY A 91 11.43 5.40 -12.59
CA GLY A 91 12.50 4.76 -11.83
C GLY A 91 12.13 3.35 -11.40
N ASP A 92 13.13 2.46 -11.33
CA ASP A 92 12.89 1.09 -10.90
C ASP A 92 12.75 1.03 -9.39
N ARG A 93 11.85 0.18 -8.91
CA ARG A 93 11.72 0.02 -7.47
C ARG A 93 11.07 -1.31 -7.13
N ALA A 94 11.73 -2.06 -6.25
CA ALA A 94 11.17 -3.28 -5.66
C ALA A 94 10.83 -4.30 -6.74
N GLY A 95 11.70 -4.40 -7.74
CA GLY A 95 11.51 -5.35 -8.81
C GLY A 95 10.56 -4.90 -9.89
N ILE A 96 10.02 -3.69 -9.81
CA ILE A 96 9.18 -3.16 -10.85
C ILE A 96 10.03 -2.21 -11.68
N LYS A 97 10.19 -2.53 -12.96
CA LYS A 97 10.91 -1.67 -13.86
C LYS A 97 10.04 -0.47 -14.22
N ASP A 98 10.64 0.72 -14.25
CA ASP A 98 10.00 1.92 -14.76
C ASP A 98 8.68 2.23 -14.07
N ARG A 99 8.69 2.27 -12.74
CA ARG A 99 7.59 2.92 -12.04
C ARG A 99 7.49 4.36 -12.52
N VAL A 100 6.27 4.82 -12.74
CA VAL A 100 6.01 6.11 -13.39
C VAL A 100 5.50 7.11 -12.36
N TYR A 101 6.06 8.32 -12.41
CA TYR A 101 5.59 9.43 -11.58
C TYR A 101 5.06 10.52 -12.49
N SER A 102 3.76 10.79 -12.38
CA SER A 102 3.06 11.80 -13.17
C SER A 102 2.38 12.80 -12.24
N ASN A 103 2.31 14.05 -12.68
CA ASN A 103 1.67 15.13 -11.92
C ASN A 103 0.87 16.03 -12.84
N SER A 104 -0.19 16.61 -12.29
CA SER A 104 -1.18 17.35 -13.05
C SER A 104 -1.17 18.83 -12.71
N ILE A 105 -1.19 19.66 -13.76
CA ILE A 105 -1.30 21.11 -13.67
C ILE A 105 -2.75 21.52 -13.74
N TYR A 106 -3.16 22.41 -12.84
CA TYR A 106 -4.50 22.94 -12.81
C TYR A 106 -4.49 24.46 -12.91
N GLU A 107 -5.54 25.00 -13.48
CA GLU A 107 -5.81 26.42 -13.38
C GLU A 107 -6.87 26.60 -12.31
N LEU A 108 -6.69 27.62 -11.49
CA LEU A 108 -7.64 28.01 -10.47
C LEU A 108 -8.36 29.26 -10.95
N LEU A 109 -9.68 29.20 -10.99
CA LEU A 109 -10.49 30.24 -11.59
C LEU A 109 -11.22 31.05 -10.52
N GLU A 110 -11.55 32.29 -10.88
CA GLU A 110 -12.56 33.09 -10.18
C GLU A 110 -13.46 33.73 -11.21
N ASN A 111 -14.74 33.35 -11.20
CA ASN A 111 -15.74 33.87 -12.13
C ASN A 111 -15.26 33.75 -13.57
N GLY A 112 -14.80 32.55 -13.92
CA GLY A 112 -14.38 32.24 -15.26
C GLY A 112 -12.99 32.72 -15.63
N GLN A 113 -12.34 33.48 -14.76
CA GLN A 113 -11.04 34.06 -15.05
C GLN A 113 -9.94 33.26 -14.38
N ARG A 114 -8.90 32.92 -15.14
CA ARG A 114 -7.72 32.27 -14.60
C ARG A 114 -7.05 33.18 -13.58
N ALA A 115 -7.09 32.78 -12.30
CA ALA A 115 -6.46 33.52 -11.21
C ALA A 115 -5.17 32.89 -10.73
N GLY A 116 -4.86 31.68 -11.16
CA GLY A 116 -3.65 31.04 -10.73
C GLY A 116 -3.49 29.70 -11.39
N THR A 117 -2.27 29.18 -11.33
CA THR A 117 -1.90 27.96 -12.01
C THR A 117 -0.87 27.25 -11.17
N CYS A 118 -1.07 25.95 -10.93
CA CYS A 118 -0.13 25.20 -10.11
C CYS A 118 -0.29 23.70 -10.29
N VAL A 119 0.78 22.99 -9.97
CA VAL A 119 0.74 21.54 -9.82
C VAL A 119 0.08 21.23 -8.48
N LEU A 120 -0.99 20.45 -8.53
CA LEU A 120 -1.90 20.30 -7.41
C LEU A 120 -2.37 18.85 -7.35
N GLU A 121 -2.45 18.31 -6.14
CA GLU A 121 -2.93 16.95 -5.91
C GLU A 121 -3.25 16.80 -4.43
N TYR A 122 -3.93 15.70 -4.11
CA TYR A 122 -4.18 15.32 -2.73
C TYR A 122 -3.08 14.39 -2.25
N ALA A 123 -2.92 14.35 -0.92
CA ALA A 123 -2.01 13.40 -0.28
C ALA A 123 -2.73 12.06 -0.27
N THR A 124 -2.42 11.21 -1.23
CA THR A 124 -3.16 9.96 -1.39
C THR A 124 -3.29 9.14 -0.11
N PRO A 125 -2.31 9.04 0.76
CA PRO A 125 -2.47 8.14 1.92
C PRO A 125 -3.67 8.48 2.80
N LEU A 126 -4.21 9.70 2.71
CA LEU A 126 -5.43 9.99 3.48
C LEU A 126 -6.59 9.09 3.04
N GLN A 127 -6.59 8.60 1.80
CA GLN A 127 -7.60 7.63 1.36
C GLN A 127 -7.50 6.32 2.11
N THR A 128 -6.28 5.89 2.44
CA THR A 128 -6.13 4.68 3.25
C THR A 128 -6.74 4.88 4.62
N LEU A 129 -6.47 6.03 5.27
CA LEU A 129 -7.09 6.28 6.56
C LEU A 129 -8.60 6.29 6.45
N PHE A 130 -9.13 6.93 5.40
CA PHE A 130 -10.57 6.96 5.25
C PHE A 130 -11.14 5.55 5.06
N ALA A 131 -10.53 4.76 4.17
CA ALA A 131 -11.00 3.39 3.93
C ALA A 131 -10.95 2.55 5.20
N MET A 132 -9.87 2.68 5.97
CA MET A 132 -9.77 1.91 7.21
C MET A 132 -10.92 2.23 8.15
N SER A 133 -11.44 3.45 8.12
CA SER A 133 -12.55 3.78 8.98
C SER A 133 -13.88 3.27 8.43
N GLN A 134 -13.90 2.78 7.18
CA GLN A 134 -15.10 2.25 6.55
C GLN A 134 -15.16 0.73 6.54
N TYR A 135 -14.02 0.04 6.57
CA TYR A 135 -13.96 -1.42 6.61
C TYR A 135 -13.90 -1.89 8.06
N SER A 136 -14.94 -2.59 8.52
CA SER A 136 -14.99 -3.02 9.91
C SER A 136 -13.80 -3.93 10.27
N GLN A 137 -13.29 -4.69 9.31
CA GLN A 137 -12.14 -5.55 9.60
C GLN A 137 -10.90 -4.75 10.01
N ALA A 138 -10.82 -3.47 9.62
CA ALA A 138 -9.66 -2.65 9.98
C ALA A 138 -9.67 -2.20 11.44
N GLY A 139 -10.81 -2.28 12.12
CA GLY A 139 -10.85 -1.96 13.54
C GLY A 139 -10.52 -0.52 13.81
N PHE A 140 -11.06 0.38 13.00
CA PHE A 140 -10.61 1.77 12.93
C PHE A 140 -11.83 2.67 12.91
N SER A 141 -11.99 3.48 13.94
CA SER A 141 -13.17 4.31 14.04
C SER A 141 -12.97 5.66 13.36
N ARG A 142 -14.08 6.37 13.19
CA ARG A 142 -14.02 7.71 12.63
C ARG A 142 -13.17 8.62 13.50
N GLU A 143 -13.29 8.54 14.81
CA GLU A 143 -12.43 9.33 15.68
C GLU A 143 -10.96 8.97 15.47
N ASP A 144 -10.65 7.69 15.35
CA ASP A 144 -9.27 7.29 15.04
C ASP A 144 -8.79 7.97 13.76
N ARG A 145 -9.63 7.93 12.72
CA ARG A 145 -9.24 8.48 11.44
C ARG A 145 -8.87 9.95 11.56
N LEU A 146 -9.70 10.74 12.26
CA LEU A 146 -9.47 12.17 12.37
C LEU A 146 -8.19 12.47 13.15
N GLU A 147 -7.94 11.71 14.23
CA GLU A 147 -6.70 11.89 14.98
C GLU A 147 -5.49 11.54 14.13
N GLN A 148 -5.55 10.39 13.44
CA GLN A 148 -4.41 9.93 12.66
C GLN A 148 -4.17 10.87 11.49
N ALA A 149 -5.23 11.46 10.96
CA ALA A 149 -5.07 12.43 9.89
C ALA A 149 -4.26 13.62 10.35
N LYS A 150 -4.56 14.12 11.55
CA LYS A 150 -3.79 15.24 12.08
C LYS A 150 -2.37 14.81 12.38
N LEU A 151 -2.19 13.59 12.90
CA LEU A 151 -0.85 13.10 13.16
C LEU A 151 -0.08 12.86 11.86
N PHE A 152 -0.79 12.46 10.79
CA PHE A 152 -0.11 12.32 9.51
C PHE A 152 0.45 13.66 9.05
N CYS A 153 -0.33 14.73 9.20
CA CYS A 153 0.11 16.05 8.77
CA CYS A 153 0.11 16.05 8.77
C CYS A 153 1.31 16.53 9.58
N ARG A 154 1.26 16.38 10.91
CA ARG A 154 2.35 16.88 11.75
C ARG A 154 3.63 16.10 11.52
N THR A 155 3.53 14.77 11.37
CA THR A 155 4.72 13.98 11.09
C THR A 155 5.32 14.36 9.75
N LEU A 156 4.46 14.48 8.73
CA LEU A 156 4.95 14.89 7.42
C LEU A 156 5.62 16.26 7.50
N GLU A 157 5.01 17.19 8.23
CA GLU A 157 5.61 18.52 8.39
C GLU A 157 6.97 18.42 9.08
N ASP A 158 7.07 17.59 10.13
CA ASP A 158 8.35 17.44 10.80
CA ASP A 158 8.35 17.41 10.81
C ASP A 158 9.40 16.85 9.86
N ILE A 159 9.02 15.88 9.04
CA ILE A 159 9.96 15.24 8.11
C ILE A 159 10.49 16.26 7.12
N LEU A 160 9.59 17.05 6.53
CA LEU A 160 9.99 18.02 5.53
C LEU A 160 10.82 19.15 6.14
N ALA A 161 10.56 19.49 7.41
CA ALA A 161 11.36 20.51 8.07
C ALA A 161 12.81 20.09 8.21
N ASP A 162 13.09 18.78 8.22
CA ASP A 162 14.46 18.30 8.23
C ASP A 162 15.00 17.95 6.86
N ALA A 163 14.22 18.16 5.82
CA ALA A 163 14.65 17.81 4.47
C ALA A 163 15.42 18.94 3.82
N PRO A 164 16.24 18.63 2.80
CA PRO A 164 17.02 19.68 2.13
C PRO A 164 16.16 20.64 1.34
N GLU A 165 16.78 21.65 0.74
CA GLU A 165 16.03 22.60 -0.05
C GLU A 165 15.35 21.91 -1.23
N SER A 166 16.03 20.94 -1.86
CA SER A 166 15.48 20.25 -3.02
C SER A 166 14.27 19.41 -2.66
N GLN A 167 13.98 19.21 -1.39
CA GLN A 167 12.78 18.49 -0.97
C GLN A 167 11.81 19.37 -0.18
N ASN A 168 12.07 20.67 -0.08
CA ASN A 168 11.19 21.60 0.61
CA ASN A 168 11.16 21.57 0.61
C ASN A 168 10.26 22.35 -0.34
N ASN A 169 10.35 22.08 -1.65
CA ASN A 169 9.57 22.83 -2.65
C ASN A 169 8.20 22.18 -2.85
N CYS A 170 7.43 22.21 -1.78
CA CYS A 170 6.04 21.81 -1.79
C CYS A 170 5.35 22.58 -0.68
N ARG A 171 4.04 22.72 -0.80
CA ARG A 171 3.22 23.39 0.19
C ARG A 171 2.14 22.43 0.64
N LEU A 172 2.10 22.16 1.94
CA LEU A 172 1.02 21.38 2.52
C LEU A 172 -0.15 22.31 2.82
N ILE A 173 -1.34 21.93 2.36
CA ILE A 173 -2.56 22.72 2.56
C ILE A 173 -3.55 21.85 3.31
N ALA A 174 -3.64 22.04 4.63
CA ALA A 174 -4.50 21.26 5.50
C ALA A 174 -5.71 22.08 5.87
N TYR A 175 -6.88 21.44 5.94
CA TYR A 175 -8.11 22.20 6.10
C TYR A 175 -9.22 21.29 6.59
N GLN A 176 -10.16 21.91 7.30
CA GLN A 176 -11.42 21.30 7.71
C GLN A 176 -12.55 21.92 6.92
N GLU A 177 -13.45 21.09 6.43
CA GLU A 177 -14.61 21.68 5.76
C GLU A 177 -15.69 21.98 6.79
N PRO A 178 -16.37 23.11 6.68
CA PRO A 178 -17.34 23.48 7.72
C PRO A 178 -18.41 22.40 7.90
N ALA A 179 -18.78 22.17 9.17
CA ALA A 179 -19.91 21.32 9.48
C ALA A 179 -21.24 22.02 9.20
N ASP A 180 -21.21 23.32 8.94
CA ASP A 180 -22.40 24.02 8.48
C ASP A 180 -22.75 23.57 7.06
N ASP A 181 -23.98 23.87 6.67
CA ASP A 181 -24.34 23.73 5.26
C ASP A 181 -23.63 24.77 4.40
N SER A 182 -22.92 25.71 5.02
CA SER A 182 -22.24 26.76 4.27
C SER A 182 -21.30 26.16 3.23
N SER A 183 -21.27 26.79 2.07
CA SER A 183 -20.42 26.30 0.98
C SER A 183 -18.95 26.51 1.32
N PHE A 184 -18.10 25.78 0.60
CA PHE A 184 -16.67 25.82 0.80
C PHE A 184 -16.00 25.79 -0.57
N SER A 185 -15.04 26.68 -0.78
CA SER A 185 -14.33 26.77 -2.05
C SER A 185 -12.93 26.20 -1.88
N LEU A 186 -12.71 25.03 -2.50
CA LEU A 186 -11.37 24.44 -2.55
C LEU A 186 -10.41 25.33 -3.32
N SER A 187 -10.88 25.91 -4.42
CA SER A 187 -10.04 26.78 -5.22
C SER A 187 -9.55 27.97 -4.42
N GLN A 188 -10.44 28.58 -3.61
CA GLN A 188 -10.04 29.70 -2.78
C GLN A 188 -9.04 29.28 -1.71
N GLU A 189 -9.17 28.05 -1.22
CA GLU A 189 -8.22 27.54 -0.23
C GLU A 189 -6.81 27.49 -0.81
N VAL A 190 -6.67 27.09 -2.07
CA VAL A 190 -5.36 27.09 -2.71
C VAL A 190 -4.93 28.51 -3.09
N LEU A 191 -5.83 29.30 -3.70
CA LEU A 191 -5.44 30.63 -4.18
C LEU A 191 -4.95 31.50 -3.03
N ARG A 192 -5.56 31.36 -1.87
CA ARG A 192 -5.14 32.12 -0.70
C ARG A 192 -3.66 31.89 -0.41
N HIS A 193 -3.21 30.64 -0.47
CA HIS A 193 -1.78 30.39 -0.25
C HIS A 193 -0.94 30.92 -1.40
N LEU A 194 -1.45 30.84 -2.65
CA LEU A 194 -0.70 31.44 -3.74
C LEU A 194 -0.54 32.94 -3.51
N ARG A 195 -1.58 33.59 -3.02
CA ARG A 195 -1.49 35.03 -2.81
C ARG A 195 -0.53 35.37 -1.68
N GLN A 196 -0.61 34.62 -0.57
CA GLN A 196 0.31 34.86 0.54
C GLN A 196 1.74 34.72 0.06
N GLU A 197 2.01 33.69 -0.73
CA GLU A 197 3.38 33.49 -1.18
C GLU A 197 3.84 34.66 -2.03
N GLU A 198 2.96 35.19 -2.90
CA GLU A 198 3.33 36.36 -3.67
C GLU A 198 3.65 37.54 -2.77
N LYS A 199 2.87 37.73 -1.70
CA LYS A 199 3.12 38.80 -0.75
C LYS A 199 4.46 38.61 -0.02
N GLU A 200 4.73 37.38 0.43
CA GLU A 200 5.96 37.18 1.18
C GLU A 200 7.19 37.17 0.30
N GLU A 201 7.03 37.22 -1.02
CA GLU A 201 8.15 37.55 -1.89
C GLU A 201 8.53 39.02 -1.71
N ASN B 15 -1.20 -0.17 14.86
CA ASN B 15 0.25 -0.05 14.73
C ASN B 15 0.71 0.12 13.28
N VAL B 16 2.04 0.15 13.09
CA VAL B 16 2.60 0.55 11.81
C VAL B 16 2.28 -0.49 10.74
N ALA B 17 2.52 -1.76 11.04
CA ALA B 17 2.37 -2.81 10.02
C ALA B 17 0.92 -2.94 9.59
N HIS B 18 0.00 -2.76 10.52
CA HIS B 18 -1.43 -2.81 10.20
C HIS B 18 -1.79 -1.73 9.18
N GLY B 19 -1.32 -0.50 9.40
CA GLY B 19 -1.56 0.55 8.42
C GLY B 19 -0.92 0.27 7.08
N LEU B 20 0.31 -0.25 7.08
CA LEU B 20 0.99 -0.49 5.82
C LEU B 20 0.29 -1.59 5.02
N ALA B 21 -0.21 -2.63 5.68
CA ALA B 21 -0.92 -3.68 4.96
C ALA B 21 -2.20 -3.14 4.33
N TRP B 22 -2.96 -2.34 5.08
CA TRP B 22 -4.16 -1.74 4.51
C TRP B 22 -3.81 -0.78 3.39
N SER B 23 -2.71 -0.05 3.54
CA SER B 23 -2.25 0.83 2.47
C SER B 23 -1.88 0.04 1.23
N TYR B 24 -1.24 -1.11 1.41
CA TYR B 24 -0.90 -1.95 0.27
C TYR B 24 -2.14 -2.45 -0.43
N TYR B 25 -3.16 -2.84 0.34
CA TYR B 25 -4.40 -3.28 -0.28
C TYR B 25 -5.16 -2.12 -0.91
N ILE B 26 -5.51 -1.12 -0.08
CA ILE B 26 -6.33 0.01 -0.53
C ILE B 26 -5.68 0.76 -1.68
N GLY B 27 -4.38 1.01 -1.59
CA GLY B 27 -3.69 1.81 -2.58
C GLY B 27 -3.09 1.05 -3.74
N TYR B 28 -3.11 -0.28 -3.72
CA TYR B 28 -2.55 -1.00 -4.86
C TYR B 28 -3.36 -2.20 -5.32
N LEU B 29 -3.49 -3.20 -4.45
CA LEU B 29 -4.04 -4.48 -4.88
C LEU B 29 -5.49 -4.36 -5.28
N ARG B 30 -6.31 -3.65 -4.50
CA ARG B 30 -7.71 -3.56 -4.88
C ARG B 30 -7.88 -2.82 -6.20
N LEU B 31 -6.88 -2.01 -6.59
CA LEU B 31 -6.95 -1.31 -7.86
C LEU B 31 -6.49 -2.18 -9.02
N ILE B 32 -5.40 -2.94 -8.84
CA ILE B 32 -4.84 -3.57 -10.01
C ILE B 32 -5.32 -5.00 -10.17
N LEU B 33 -5.66 -5.67 -9.07
CA LEU B 33 -6.03 -7.08 -9.20
C LEU B 33 -7.26 -7.27 -10.09
N PRO B 34 -8.35 -6.50 -9.95
CA PRO B 34 -9.53 -6.72 -10.80
C PRO B 34 -9.26 -6.53 -12.28
N GLU B 35 -8.22 -5.78 -12.64
CA GLU B 35 -7.90 -5.48 -14.03
C GLU B 35 -6.75 -6.31 -14.57
N LEU B 36 -6.15 -7.17 -13.76
CA LEU B 36 -4.90 -7.82 -14.16
C LEU B 36 -5.12 -8.78 -15.34
N GLN B 37 -6.18 -9.57 -15.31
CA GLN B 37 -6.41 -10.53 -16.39
C GLN B 37 -6.56 -9.81 -17.72
N ALA B 38 -7.34 -8.73 -17.76
CA ALA B 38 -7.51 -7.98 -19.00
C ALA B 38 -6.16 -7.52 -19.54
N ARG B 39 -5.28 -7.03 -18.67
CA ARG B 39 -3.96 -6.60 -19.14
C ARG B 39 -3.14 -7.77 -19.63
N ILE B 40 -3.26 -8.93 -18.98
CA ILE B 40 -2.51 -10.10 -19.41
C ILE B 40 -3.05 -10.64 -20.73
N ARG B 41 -4.37 -10.67 -20.90
CA ARG B 41 -4.92 -11.03 -22.20
C ARG B 41 -4.38 -10.11 -23.29
N THR B 42 -4.54 -8.79 -23.09
CA THR B 42 -4.04 -7.84 -24.06
C THR B 42 -2.58 -8.12 -24.39
N TYR B 43 -1.78 -8.41 -23.35
CA TYR B 43 -0.37 -8.68 -23.58
C TYR B 43 -0.20 -9.95 -24.41
N ASN B 44 -0.82 -11.04 -23.98
CA ASN B 44 -0.69 -12.31 -24.69
C ASN B 44 -1.14 -12.15 -26.14
N GLN B 45 -2.26 -11.47 -26.38
CA GLN B 45 -2.80 -11.37 -27.73
C GLN B 45 -1.87 -10.60 -28.65
N HIS B 46 -1.24 -9.54 -28.15
CA HIS B 46 -0.30 -8.77 -28.96
C HIS B 46 1.16 -9.09 -28.65
N TYR B 47 1.43 -10.08 -27.79
CA TYR B 47 2.83 -10.48 -27.43
C TYR B 47 2.98 -12.00 -27.35
N ASN B 48 2.23 -12.76 -28.15
CA ASN B 48 2.47 -14.22 -28.35
C ASN B 48 2.10 -15.12 -27.17
N ASN B 49 1.04 -14.84 -26.42
CA ASN B 49 0.59 -15.79 -25.41
C ASN B 49 1.74 -16.25 -24.51
N LEU B 50 2.55 -15.27 -24.06
CA LEU B 50 3.72 -15.59 -23.25
C LEU B 50 3.33 -16.06 -21.84
N LEU B 51 2.20 -15.62 -21.31
CA LEU B 51 1.76 -16.01 -19.98
C LEU B 51 0.62 -17.02 -20.13
N ARG B 52 0.98 -18.28 -20.28
CA ARG B 52 0.02 -19.33 -20.58
C ARG B 52 -0.43 -20.01 -19.30
N GLY B 53 -1.75 -20.14 -19.14
CA GLY B 53 -2.28 -20.87 -18.01
C GLY B 53 -2.47 -20.00 -16.78
N ALA B 54 -3.43 -20.41 -15.94
CA ALA B 54 -3.75 -19.64 -14.75
C ALA B 54 -2.51 -19.40 -13.91
N VAL B 55 -1.61 -20.39 -13.83
CA VAL B 55 -0.47 -20.28 -12.93
C VAL B 55 0.40 -19.09 -13.32
N SER B 56 0.55 -18.85 -14.62
CA SER B 56 1.38 -17.74 -15.08
C SER B 56 0.62 -16.43 -15.14
N GLN B 57 -0.64 -16.40 -14.73
CA GLN B 57 -1.48 -15.22 -14.86
C GLN B 57 -1.84 -14.62 -13.51
N ARG B 58 -1.15 -15.00 -12.45
CA ARG B 58 -1.34 -14.37 -11.16
C ARG B 58 -0.20 -13.43 -10.87
N LEU B 59 -0.45 -12.46 -10.01
CA LEU B 59 0.61 -11.58 -9.52
C LEU B 59 1.30 -12.26 -8.35
N TYR B 60 2.59 -12.52 -8.48
CA TYR B 60 3.36 -13.12 -7.39
C TYR B 60 4.07 -12.04 -6.60
N ILE B 61 3.72 -11.94 -5.32
CA ILE B 61 4.20 -10.89 -4.43
C ILE B 61 5.24 -11.49 -3.49
N LEU B 62 6.46 -10.98 -3.56
CA LEU B 62 7.53 -11.47 -2.71
C LEU B 62 7.52 -10.79 -1.35
N LEU B 63 7.66 -11.59 -0.30
CA LEU B 63 7.59 -11.12 1.09
C LEU B 63 8.80 -11.66 1.85
N PRO B 64 9.98 -11.08 1.62
CA PRO B 64 11.13 -11.39 2.47
C PRO B 64 10.90 -10.85 3.88
N LEU B 65 10.83 -11.77 4.84
CA LEU B 65 10.49 -11.38 6.22
C LEU B 65 11.62 -10.65 6.92
N ASP B 66 12.81 -10.57 6.33
CA ASP B 66 13.85 -9.70 6.86
C ASP B 66 13.82 -8.30 6.23
N CYS B 67 12.86 -8.01 5.35
CA CYS B 67 12.66 -6.70 4.75
C CYS B 67 13.81 -6.30 3.84
N GLY B 68 14.64 -7.25 3.43
CA GLY B 68 15.66 -6.94 2.46
C GLY B 68 15.07 -6.91 1.08
N VAL B 69 14.93 -5.72 0.50
CA VAL B 69 14.20 -5.54 -0.75
C VAL B 69 15.07 -4.83 -1.78
N PRO B 70 15.96 -5.53 -2.47
CA PRO B 70 16.70 -4.88 -3.56
C PRO B 70 15.76 -4.39 -4.64
N ASP B 71 16.13 -3.29 -5.28
CA ASP B 71 15.28 -2.73 -6.33
C ASP B 71 15.38 -3.54 -7.62
N ASN B 72 16.47 -4.27 -7.84
CA ASN B 72 16.68 -5.03 -9.07
C ASN B 72 16.63 -6.51 -8.76
N LEU B 73 15.66 -7.21 -9.37
CA LEU B 73 15.47 -8.63 -9.06
C LEU B 73 16.63 -9.47 -9.56
N SER B 74 17.20 -9.11 -10.71
CA SER B 74 18.38 -9.82 -11.21
C SER B 74 19.54 -9.70 -10.22
N MET B 75 19.66 -8.55 -9.55
CA MET B 75 20.68 -8.40 -8.52
C MET B 75 20.45 -9.40 -7.39
N ALA B 76 19.18 -9.66 -7.05
CA ALA B 76 18.88 -10.62 -5.99
C ALA B 76 19.15 -12.06 -6.44
N ASP B 77 18.90 -12.37 -7.71
CA ASP B 77 19.17 -13.68 -8.27
C ASP B 77 19.44 -13.56 -9.76
N PRO B 78 20.63 -13.97 -10.23
CA PRO B 78 20.88 -13.94 -11.68
C PRO B 78 19.89 -14.77 -12.47
N ASN B 79 19.35 -15.82 -11.87
CA ASN B 79 18.39 -16.68 -12.55
C ASN B 79 17.01 -16.03 -12.68
N ILE B 80 16.82 -14.82 -12.18
CA ILE B 80 15.60 -14.05 -12.44
C ILE B 80 15.98 -12.95 -13.42
N ARG B 81 15.36 -12.95 -14.59
CA ARG B 81 15.75 -12.05 -15.66
C ARG B 81 14.52 -11.40 -16.29
N PHE B 82 14.62 -10.10 -16.52
CA PHE B 82 13.50 -9.31 -17.00
C PHE B 82 13.28 -9.57 -18.49
N LEU B 83 12.02 -9.85 -18.84
CA LEU B 83 11.61 -10.06 -20.23
C LEU B 83 10.88 -8.85 -20.80
N ASP B 84 9.85 -8.37 -20.11
CA ASP B 84 8.98 -7.36 -20.70
C ASP B 84 8.11 -6.76 -19.61
N LYS B 85 7.36 -5.73 -20.00
CA LYS B 85 6.39 -5.09 -19.12
C LYS B 85 5.00 -5.30 -19.70
N LEU B 86 4.03 -5.50 -18.82
CA LEU B 86 2.64 -5.52 -19.21
C LEU B 86 2.21 -4.15 -19.70
N PRO B 87 1.09 -4.07 -20.41
CA PRO B 87 0.51 -2.75 -20.69
C PRO B 87 0.18 -2.05 -19.40
N GLN B 88 0.44 -0.75 -19.37
CA GLN B 88 0.20 0.06 -18.18
C GLN B 88 -1.29 0.19 -17.91
N GLN B 89 -1.63 0.19 -16.63
CA GLN B 89 -2.94 0.60 -16.16
C GLN B 89 -2.86 2.07 -15.76
N THR B 90 -3.87 2.84 -16.12
CA THR B 90 -3.94 4.24 -15.72
C THR B 90 -5.27 4.48 -15.04
N GLY B 91 -5.29 5.47 -14.17
CA GLY B 91 -6.51 5.88 -13.49
C GLY B 91 -6.33 7.24 -12.89
N ASP B 92 -7.44 7.95 -12.72
CA ASP B 92 -7.46 9.20 -11.97
C ASP B 92 -7.43 8.87 -10.48
N ARG B 93 -6.47 9.45 -9.76
CA ARG B 93 -6.17 9.04 -8.39
C ARG B 93 -5.81 10.27 -7.58
N ALA B 94 -6.68 10.64 -6.63
CA ALA B 94 -6.42 11.71 -5.68
C ALA B 94 -5.91 12.99 -6.37
N GLY B 95 -6.60 13.37 -7.44
CA GLY B 95 -6.26 14.58 -8.18
C GLY B 95 -5.16 14.43 -9.23
N ILE B 96 -4.57 13.26 -9.38
CA ILE B 96 -3.58 13.04 -10.42
C ILE B 96 -4.30 12.38 -11.58
N LYS B 97 -4.28 13.04 -12.75
CA LYS B 97 -4.86 12.43 -13.94
C LYS B 97 -3.93 11.35 -14.47
N ASP B 98 -4.50 10.20 -14.84
CA ASP B 98 -3.74 9.13 -15.47
C ASP B 98 -2.53 8.73 -14.62
N ARG B 99 -2.74 8.56 -13.32
CA ARG B 99 -1.71 7.94 -12.52
C ARG B 99 -1.46 6.54 -13.06
N VAL B 100 -0.20 6.11 -13.09
CA VAL B 100 0.21 4.93 -13.84
C VAL B 100 0.62 3.81 -12.88
N TYR B 101 0.07 2.62 -13.12
CA TYR B 101 0.45 1.39 -12.45
C TYR B 101 1.03 0.44 -13.49
N SER B 102 2.23 -0.09 -13.22
CA SER B 102 2.97 -0.89 -14.18
C SER B 102 3.53 -2.13 -13.49
N ASN B 103 3.66 -3.22 -14.25
CA ASN B 103 4.15 -4.47 -13.71
C ASN B 103 5.09 -5.13 -14.70
N SER B 104 6.03 -5.91 -14.16
CA SER B 104 7.14 -6.46 -14.93
C SER B 104 7.05 -7.99 -14.98
N ILE B 105 7.37 -8.54 -16.17
CA ILE B 105 7.36 -9.99 -16.43
C ILE B 105 8.79 -10.51 -16.37
N TYR B 106 8.99 -11.61 -15.64
CA TYR B 106 10.32 -12.19 -15.48
C TYR B 106 10.30 -13.66 -15.88
N GLU B 107 11.43 -14.11 -16.43
CA GLU B 107 11.66 -15.53 -16.66
C GLU B 107 12.52 -16.03 -15.51
N LEU B 108 12.27 -17.26 -15.09
CA LEU B 108 13.06 -17.93 -14.06
C LEU B 108 13.90 -19.01 -14.73
N LEU B 109 15.20 -19.00 -14.47
CA LEU B 109 16.12 -19.91 -15.11
C LEU B 109 16.52 -21.04 -14.17
N GLU B 110 16.58 -22.25 -14.71
CA GLU B 110 17.09 -23.43 -14.03
C GLU B 110 18.07 -24.12 -14.97
N ASN B 111 19.35 -24.13 -14.61
CA ASN B 111 20.40 -24.66 -15.48
C ASN B 111 20.36 -24.01 -16.86
N GLY B 112 20.26 -22.68 -16.88
CA GLY B 112 20.41 -21.91 -18.09
C GLY B 112 19.18 -21.83 -18.97
N GLN B 113 18.14 -22.60 -18.68
CA GLN B 113 16.95 -22.66 -19.53
C GLN B 113 15.76 -22.05 -18.81
N ARG B 114 14.81 -21.53 -19.61
CA ARG B 114 13.62 -20.89 -19.06
C ARG B 114 12.72 -21.94 -18.42
N ALA B 115 12.71 -21.98 -17.08
CA ALA B 115 11.87 -22.92 -16.34
C ALA B 115 10.52 -22.33 -15.96
N GLY B 116 10.33 -21.03 -16.06
CA GLY B 116 9.08 -20.43 -15.66
C GLY B 116 8.98 -18.99 -16.10
N THR B 117 7.75 -18.49 -16.10
CA THR B 117 7.45 -17.13 -16.54
C THR B 117 6.31 -16.60 -15.68
N CYS B 118 6.53 -15.47 -15.01
CA CYS B 118 5.49 -14.92 -14.16
C CYS B 118 5.65 -13.42 -13.98
N VAL B 119 4.55 -12.79 -13.57
CA VAL B 119 4.56 -11.40 -13.12
C VAL B 119 4.98 -11.41 -11.66
N LEU B 120 6.10 -10.76 -11.36
CA LEU B 120 6.79 -10.90 -10.09
C LEU B 120 7.24 -9.55 -9.58
N GLU B 121 7.15 -9.37 -8.26
CA GLU B 121 7.60 -8.13 -7.64
C GLU B 121 7.58 -8.27 -6.13
N TYR B 122 8.30 -7.38 -5.47
CA TYR B 122 8.28 -7.31 -4.03
C TYR B 122 7.11 -6.46 -3.54
N ALA B 123 6.67 -6.75 -2.33
CA ALA B 123 5.72 -5.88 -1.64
C ALA B 123 6.49 -4.67 -1.13
N THR B 124 6.31 -3.53 -1.79
CA THR B 124 7.11 -2.35 -1.52
C THR B 124 7.08 -1.90 -0.06
N PRO B 125 5.96 -1.97 0.67
CA PRO B 125 5.98 -1.51 2.06
C PRO B 125 7.01 -2.22 2.93
N LEU B 126 7.46 -3.43 2.58
CA LEU B 126 8.51 -4.04 3.39
C LEU B 126 9.80 -3.23 3.29
N GLN B 127 10.11 -2.74 2.09
CA GLN B 127 11.23 -1.80 1.95
C GLN B 127 11.00 -0.58 2.81
N THR B 128 9.75 -0.10 2.88
CA THR B 128 9.44 1.05 3.72
C THR B 128 9.80 0.78 5.16
N LEU B 129 9.44 -0.39 5.67
CA LEU B 129 9.75 -0.70 7.06
C LEU B 129 11.23 -0.61 7.30
N PHE B 130 12.03 -1.13 6.38
CA PHE B 130 13.47 -1.09 6.55
C PHE B 130 13.97 0.35 6.56
N ALA B 131 13.53 1.15 5.59
CA ALA B 131 13.98 2.53 5.54
C ALA B 131 13.60 3.29 6.80
N MET B 132 12.48 2.92 7.42
CA MET B 132 12.06 3.59 8.66
C MET B 132 13.04 3.32 9.80
N SER B 133 13.64 2.14 9.81
CA SER B 133 14.66 1.87 10.84
C SER B 133 15.85 2.81 10.68
N GLN B 134 16.17 3.20 9.46
CA GLN B 134 17.26 4.14 9.27
C GLN B 134 16.81 5.57 9.55
N TYR B 135 15.74 6.02 8.91
CA TYR B 135 15.34 7.41 9.00
C TYR B 135 14.66 7.76 10.32
N SER B 136 13.85 6.85 10.85
CA SER B 136 12.96 7.21 11.95
C SER B 136 13.76 7.72 13.14
N GLN B 137 13.29 8.83 13.70
CA GLN B 137 13.99 9.48 14.79
C GLN B 137 13.83 8.71 16.09
N ALA B 138 12.62 8.23 16.37
CA ALA B 138 12.35 7.50 17.60
C ALA B 138 13.01 6.12 17.60
N GLY B 139 13.43 5.66 16.43
CA GLY B 139 14.17 4.40 16.34
C GLY B 139 13.25 3.22 16.14
N PHE B 140 13.81 2.16 15.54
CA PHE B 140 13.05 0.98 15.16
C PHE B 140 14.01 -0.20 15.13
N SER B 141 13.90 -1.09 16.11
CA SER B 141 14.90 -2.14 16.30
C SER B 141 14.66 -3.31 15.35
N ARG B 142 15.66 -4.19 15.26
CA ARG B 142 15.58 -5.36 14.38
C ARG B 142 14.38 -6.22 14.75
N GLU B 143 14.25 -6.57 16.03
CA GLU B 143 13.17 -7.46 16.44
C GLU B 143 11.81 -6.81 16.21
N ASP B 144 11.72 -5.50 16.46
CA ASP B 144 10.49 -4.79 16.12
C ASP B 144 10.21 -4.89 14.62
N ARG B 145 11.24 -4.68 13.79
CA ARG B 145 11.04 -4.71 12.35
C ARG B 145 10.61 -6.10 11.87
N LEU B 146 11.27 -7.14 12.38
CA LEU B 146 10.89 -8.50 12.00
C LEU B 146 9.48 -8.82 12.45
N GLU B 147 9.07 -8.31 13.61
CA GLU B 147 7.70 -8.56 14.04
C GLU B 147 6.72 -7.80 13.16
N GLN B 148 7.02 -6.54 12.85
CA GLN B 148 6.11 -5.77 12.01
C GLN B 148 6.07 -6.34 10.58
N ALA B 149 7.18 -6.90 10.10
CA ALA B 149 7.14 -7.56 8.80
C ALA B 149 6.18 -8.74 8.82
N LYS B 150 6.24 -9.56 9.87
CA LYS B 150 5.31 -10.68 9.99
C LYS B 150 3.88 -10.19 10.13
N LEU B 151 3.67 -9.13 10.91
CA LEU B 151 2.33 -8.61 11.08
C LEU B 151 1.78 -8.06 9.76
N PHE B 152 2.64 -7.40 8.97
CA PHE B 152 2.20 -6.93 7.66
C PHE B 152 1.70 -8.09 6.80
N CYS B 153 2.48 -9.17 6.76
CA CYS B 153 2.14 -10.33 5.93
C CYS B 153 0.85 -10.99 6.40
N ARG B 154 0.67 -11.15 7.71
CA ARG B 154 -0.53 -11.81 8.22
C ARG B 154 -1.76 -10.93 8.07
N THR B 155 -1.61 -9.63 8.31
CA THR B 155 -2.72 -8.72 8.05
C THR B 155 -3.10 -8.73 6.57
N LEU B 156 -2.11 -8.76 5.68
CA LEU B 156 -2.40 -8.82 4.25
C LEU B 156 -3.10 -10.12 3.90
N GLU B 157 -2.63 -11.24 4.47
CA GLU B 157 -3.33 -12.51 4.31
C GLU B 157 -4.79 -12.39 4.72
N ASP B 158 -5.02 -11.80 5.90
CA ASP B 158 -6.39 -11.67 6.41
C ASP B 158 -7.22 -10.75 5.52
N ILE B 159 -6.65 -9.64 5.06
CA ILE B 159 -7.40 -8.77 4.15
C ILE B 159 -7.80 -9.53 2.89
N LEU B 160 -6.84 -10.24 2.28
CA LEU B 160 -7.11 -10.94 1.04
C LEU B 160 -8.15 -12.05 1.22
N ALA B 161 -8.13 -12.72 2.38
CA ALA B 161 -9.13 -13.75 2.63
C ALA B 161 -10.53 -13.17 2.63
N ASP B 162 -10.67 -11.90 3.01
CA ASP B 162 -11.95 -11.21 3.06
C ASP B 162 -12.20 -10.37 1.82
N ALA B 163 -11.40 -10.57 0.77
CA ALA B 163 -11.57 -9.89 -0.52
C ALA B 163 -11.78 -10.96 -1.57
N PRO B 164 -12.83 -11.78 -1.43
CA PRO B 164 -13.00 -12.94 -2.31
C PRO B 164 -13.21 -12.54 -3.73
N GLU B 165 -13.63 -11.30 -3.97
CA GLU B 165 -13.95 -10.85 -5.31
C GLU B 165 -12.72 -10.76 -6.19
N SER B 166 -11.56 -10.42 -5.61
CA SER B 166 -10.36 -10.11 -6.37
C SER B 166 -9.12 -10.88 -5.95
N GLN B 167 -9.15 -11.61 -4.83
CA GLN B 167 -7.92 -12.10 -4.20
C GLN B 167 -7.28 -13.30 -4.91
N ASN B 168 -8.01 -14.04 -5.74
CA ASN B 168 -7.38 -15.17 -6.42
C ASN B 168 -6.59 -14.76 -7.66
N ASN B 169 -6.39 -13.46 -7.86
CA ASN B 169 -5.48 -12.97 -8.89
C ASN B 169 -4.04 -12.81 -8.39
N CYS B 170 -3.74 -13.18 -7.15
CA CYS B 170 -2.37 -13.03 -6.65
C CYS B 170 -1.99 -14.17 -5.73
N ARG B 171 -0.69 -14.30 -5.50
CA ARG B 171 -0.12 -15.27 -4.56
C ARG B 171 0.99 -14.60 -3.78
N LEU B 172 1.04 -14.89 -2.48
CA LEU B 172 2.07 -14.35 -1.59
C LEU B 172 3.17 -15.38 -1.46
N ILE B 173 4.42 -14.94 -1.63
CA ILE B 173 5.59 -15.77 -1.43
C ILE B 173 6.41 -15.16 -0.29
N ALA B 174 6.23 -15.67 0.92
CA ALA B 174 6.99 -15.23 2.08
C ALA B 174 8.09 -16.23 2.39
N TYR B 175 9.24 -15.73 2.83
CA TYR B 175 10.38 -16.59 3.09
C TYR B 175 11.35 -15.88 4.03
N GLN B 176 12.07 -16.67 4.82
CA GLN B 176 13.19 -16.19 5.61
C GLN B 176 14.48 -16.80 5.06
N GLU B 177 15.56 -16.03 5.15
CA GLU B 177 16.87 -16.53 4.72
C GLU B 177 17.68 -17.01 5.92
N PHE B 184 20.77 -20.13 -0.68
CA PHE B 184 19.35 -19.85 -0.93
C PHE B 184 19.14 -19.21 -2.29
N SER B 185 18.27 -19.81 -3.10
CA SER B 185 17.96 -19.31 -4.43
C SER B 185 16.54 -18.78 -4.45
N LEU B 186 16.41 -17.47 -4.67
CA LEU B 186 15.08 -16.88 -4.80
C LEU B 186 14.36 -17.48 -6.00
N SER B 187 15.07 -17.65 -7.12
CA SER B 187 14.46 -18.26 -8.29
C SER B 187 13.87 -19.62 -7.95
N GLN B 188 14.63 -20.44 -7.22
CA GLN B 188 14.10 -21.75 -6.84
C GLN B 188 12.92 -21.60 -5.90
N GLU B 189 13.00 -20.66 -4.96
CA GLU B 189 11.89 -20.39 -4.07
C GLU B 189 10.62 -20.10 -4.87
N VAL B 190 10.74 -19.27 -5.89
CA VAL B 190 9.60 -18.97 -6.75
C VAL B 190 9.20 -20.22 -7.54
N LEU B 191 10.16 -20.89 -8.17
CA LEU B 191 9.83 -22.05 -8.98
C LEU B 191 9.11 -23.10 -8.17
N ARG B 192 9.51 -23.29 -6.91
CA ARG B 192 8.83 -24.27 -6.07
C ARG B 192 7.37 -23.89 -5.88
N HIS B 193 7.11 -22.60 -5.65
CA HIS B 193 5.73 -22.16 -5.56
C HIS B 193 4.98 -22.42 -6.86
N LEU B 194 5.59 -22.10 -8.00
CA LEU B 194 4.92 -22.31 -9.28
C LEU B 194 4.64 -23.78 -9.54
N ARG B 195 5.62 -24.65 -9.28
CA ARG B 195 5.40 -26.07 -9.50
C ARG B 195 4.28 -26.59 -8.60
N GLN B 196 4.25 -26.14 -7.35
CA GLN B 196 3.18 -26.53 -6.44
C GLN B 196 1.82 -26.06 -6.94
N GLU B 197 1.77 -24.86 -7.52
CA GLU B 197 0.51 -24.37 -8.08
C GLU B 197 0.06 -25.25 -9.24
N GLU B 198 0.99 -25.64 -10.11
CA GLU B 198 0.64 -26.51 -11.24
C GLU B 198 0.18 -27.88 -10.77
N LYS B 199 0.82 -28.42 -9.74
CA LYS B 199 0.41 -29.72 -9.20
C LYS B 199 -1.00 -29.65 -8.59
N GLU B 200 -1.31 -28.57 -7.87
CA GLU B 200 -2.62 -28.44 -7.23
C GLU B 200 -3.74 -28.22 -8.23
N GLU B 201 -3.44 -28.19 -9.53
CA GLU B 201 -4.46 -28.14 -10.58
C GLU B 201 -4.85 -29.56 -10.99
N ILE C 24 -17.61 -21.39 30.52
CA ILE C 24 -17.94 -21.57 29.11
C ILE C 24 -17.14 -22.72 28.50
N ASN C 25 -17.78 -23.51 27.65
CA ASN C 25 -17.16 -24.62 26.95
C ASN C 25 -16.93 -24.25 25.48
N LEU C 26 -15.78 -24.67 24.94
CA LEU C 26 -15.41 -24.38 23.56
C LEU C 26 -14.69 -25.59 22.97
N LYS C 27 -14.55 -25.58 21.64
CA LYS C 27 -13.89 -26.67 20.93
C LYS C 27 -13.00 -26.11 19.84
N VAL C 28 -11.88 -26.80 19.60
CA VAL C 28 -10.91 -26.43 18.58
C VAL C 28 -10.77 -27.61 17.63
N SER C 29 -10.84 -27.35 16.32
CA SER C 29 -10.81 -28.40 15.33
C SER C 29 -9.92 -27.99 14.16
N ASP C 30 -8.97 -28.86 13.79
CA ASP C 30 -8.19 -28.71 12.57
C ASP C 30 -8.62 -29.69 11.48
N GLY C 31 -9.64 -30.51 11.73
CA GLY C 31 -10.12 -31.46 10.76
C GLY C 31 -9.61 -32.87 10.99
N SER C 32 -8.33 -33.00 11.34
CA SER C 32 -7.76 -34.30 11.68
C SER C 32 -7.85 -34.62 13.17
N SER C 33 -8.25 -33.64 13.99
CA SER C 33 -8.35 -33.82 15.44
C SER C 33 -9.28 -32.74 15.98
N GLU C 34 -9.82 -33.00 17.17
CA GLU C 34 -10.66 -32.02 17.86
C GLU C 34 -10.45 -32.16 19.36
N ILE C 35 -10.33 -31.02 20.05
CA ILE C 35 -10.12 -30.98 21.48
C ILE C 35 -11.06 -29.94 22.09
N PHE C 36 -11.89 -30.36 23.04
CA PHE C 36 -12.78 -29.46 23.75
C PHE C 36 -12.04 -28.83 24.92
N PHE C 37 -12.43 -27.60 25.26
CA PHE C 37 -11.82 -26.85 26.35
C PHE C 37 -12.89 -26.23 27.23
N LYS C 38 -12.57 -26.07 28.52
CA LYS C 38 -13.45 -25.40 29.47
C LYS C 38 -12.63 -24.34 30.19
N ILE C 39 -13.03 -23.08 30.07
CA ILE C 39 -12.33 -21.95 30.69
C ILE C 39 -13.35 -20.88 31.05
N LYS C 40 -12.90 -19.90 31.83
CA LYS C 40 -13.72 -18.76 32.17
C LYS C 40 -13.86 -17.82 30.97
N LYS C 41 -14.79 -16.88 31.08
CA LYS C 41 -15.06 -15.95 29.99
C LYS C 41 -14.00 -14.86 29.88
N THR C 42 -13.32 -14.53 30.98
CA THR C 42 -12.27 -13.51 30.98
C THR C 42 -10.86 -14.10 30.88
N THR C 43 -10.73 -15.41 30.72
CA THR C 43 -9.41 -16.02 30.53
C THR C 43 -8.93 -15.77 29.10
N PRO C 44 -7.79 -15.12 28.90
CA PRO C 44 -7.27 -14.95 27.53
C PRO C 44 -7.12 -16.29 26.82
N LEU C 45 -7.49 -16.30 25.53
CA LEU C 45 -7.43 -17.50 24.71
C LEU C 45 -6.01 -17.95 24.41
N ARG C 46 -5.02 -17.23 24.93
CA ARG C 46 -3.60 -17.66 24.75
C ARG C 46 -3.43 -19.11 25.19
N ARG C 47 -4.01 -19.48 26.34
CA ARG C 47 -3.78 -20.82 26.86
C ARG C 47 -4.32 -21.89 25.90
N LEU C 48 -5.56 -21.71 25.42
CA LEU C 48 -6.17 -22.72 24.56
C LEU C 48 -5.37 -22.92 23.28
N MET C 49 -5.01 -21.82 22.62
CA MET C 49 -4.30 -21.91 21.35
C MET C 49 -2.95 -22.58 21.53
N GLU C 50 -2.29 -22.33 22.66
CA GLU C 50 -1.03 -23.01 22.96
C GLU C 50 -1.27 -24.47 23.31
N ALA C 51 -2.32 -24.74 24.09
CA ALA C 51 -2.63 -26.12 24.45
C ALA C 51 -2.92 -26.96 23.21
N PHE C 52 -3.82 -26.47 22.35
CA PHE C 52 -4.19 -27.23 21.17
C PHE C 52 -2.99 -27.45 20.26
N ALA C 53 -2.17 -26.41 20.06
CA ALA C 53 -1.03 -26.53 19.16
C ALA C 53 0.03 -27.48 19.72
N LYS C 54 0.17 -27.53 21.05
CA LYS C 54 1.15 -28.44 21.66
C LYS C 54 0.83 -29.90 21.32
N ARG C 55 -0.46 -30.25 21.33
CA ARG C 55 -0.87 -31.59 20.95
C ARG C 55 -0.40 -31.93 19.54
N GLN C 56 -0.53 -30.99 18.60
CA GLN C 56 -0.13 -31.22 17.22
C GLN C 56 1.38 -31.23 17.04
N GLY C 57 2.16 -30.98 18.09
CA GLY C 57 3.59 -30.86 17.94
C GLY C 57 4.04 -29.57 17.30
N LYS C 58 3.20 -28.54 17.33
CA LYS C 58 3.47 -27.27 16.70
C LYS C 58 3.28 -26.15 17.72
N GLU C 59 4.10 -25.11 17.60
CA GLU C 59 3.97 -23.97 18.49
C GLU C 59 2.85 -23.05 18.02
N MET C 60 2.39 -22.19 18.91
CA MET C 60 1.17 -21.43 18.67
C MET C 60 1.24 -20.62 17.39
N ASP C 61 2.43 -20.08 17.07
CA ASP C 61 2.55 -19.14 15.96
C ASP C 61 2.24 -19.82 14.62
N SER C 62 2.63 -21.08 14.46
CA SER C 62 2.49 -21.76 13.18
C SER C 62 1.03 -22.12 12.85
N LEU C 63 0.10 -21.88 13.77
CA LEU C 63 -1.31 -22.12 13.52
C LEU C 63 -2.08 -20.82 13.56
N ARG C 64 -3.18 -20.78 12.81
CA ARG C 64 -4.05 -19.62 12.67
C ARG C 64 -5.42 -19.99 13.20
N PHE C 65 -5.87 -19.28 14.23
CA PHE C 65 -7.13 -19.59 14.89
C PHE C 65 -8.20 -18.57 14.49
N LEU C 66 -9.41 -19.08 14.24
CA LEU C 66 -10.49 -18.26 13.71
C LEU C 66 -11.75 -18.41 14.55
N TYR C 67 -12.39 -17.28 14.82
CA TYR C 67 -13.74 -17.23 15.39
C TYR C 67 -14.50 -16.11 14.70
N ASP C 68 -15.73 -16.39 14.29
CA ASP C 68 -16.51 -15.45 13.49
C ASP C 68 -15.72 -15.02 12.25
N GLY C 69 -14.92 -15.94 11.70
CA GLY C 69 -14.12 -15.68 10.52
C GLY C 69 -12.90 -14.80 10.73
N ILE C 70 -12.60 -14.44 11.98
CA ILE C 70 -11.56 -13.46 12.29
C ILE C 70 -10.42 -14.14 13.02
N ARG C 71 -9.19 -13.80 12.63
CA ARG C 71 -8.01 -14.31 13.33
C ARG C 71 -8.06 -13.89 14.79
N ILE C 72 -7.84 -14.85 15.68
CA ILE C 72 -7.83 -14.60 17.11
C ILE C 72 -6.42 -14.15 17.53
N GLN C 73 -6.35 -13.24 18.49
CA GLN C 73 -5.10 -12.79 19.06
C GLN C 73 -5.01 -13.25 20.52
N ALA C 74 -3.78 -13.47 20.98
CA ALA C 74 -3.55 -14.16 22.25
C ALA C 74 -4.17 -13.44 23.44
N ASP C 75 -4.23 -12.12 23.42
CA ASP C 75 -4.70 -11.34 24.55
C ASP C 75 -6.22 -11.16 24.55
N GLN C 76 -6.93 -11.80 23.62
CA GLN C 76 -8.39 -11.66 23.52
C GLN C 76 -9.10 -12.73 24.34
N THR C 77 -10.16 -12.31 25.02
CA THR C 77 -10.95 -13.19 25.88
C THR C 77 -12.30 -13.48 25.23
N PRO C 78 -12.95 -14.59 25.60
CA PRO C 78 -14.30 -14.85 25.08
C PRO C 78 -15.27 -13.70 25.30
N GLU C 79 -15.13 -12.97 26.41
CA GLU C 79 -15.96 -11.79 26.61
C GLU C 79 -15.66 -10.72 25.57
N ASP C 80 -14.38 -10.57 25.18
CA ASP C 80 -14.02 -9.58 24.17
C ASP C 80 -14.62 -9.92 22.82
N LEU C 81 -14.69 -11.22 22.47
CA LEU C 81 -15.20 -11.67 21.17
C LEU C 81 -16.68 -12.05 21.22
N ASP C 82 -17.35 -11.84 22.36
CA ASP C 82 -18.78 -12.15 22.48
C ASP C 82 -19.06 -13.61 22.12
N MET C 83 -18.24 -14.51 22.66
CA MET C 83 -18.41 -15.94 22.42
C MET C 83 -19.62 -16.47 23.19
N GLU C 84 -20.15 -17.58 22.70
CA GLU C 84 -21.25 -18.30 23.32
C GLU C 84 -20.83 -19.73 23.63
N ASP C 85 -21.49 -20.32 24.63
CA ASP C 85 -21.10 -21.65 25.08
C ASP C 85 -21.18 -22.66 23.93
N ASN C 86 -20.18 -23.53 23.86
CA ASN C 86 -20.12 -24.61 22.88
C ASN C 86 -19.87 -24.12 21.46
N ASP C 87 -19.17 -22.99 21.31
CA ASP C 87 -18.72 -22.55 20.00
C ASP C 87 -17.54 -23.39 19.53
N ILE C 88 -17.28 -23.34 18.22
CA ILE C 88 -16.16 -24.05 17.61
C ILE C 88 -15.13 -23.01 17.19
N ILE C 89 -13.86 -23.39 17.29
CA ILE C 89 -12.74 -22.57 16.85
C ILE C 89 -11.99 -23.35 15.76
N GLU C 90 -11.76 -22.71 14.62
CA GLU C 90 -11.11 -23.34 13.50
C GLU C 90 -9.60 -23.11 13.58
N ALA C 91 -8.84 -24.18 13.32
CA ALA C 91 -7.38 -24.15 13.39
C ALA C 91 -6.81 -24.47 12.03
N HIS C 92 -6.22 -23.47 11.37
CA HIS C 92 -5.62 -23.62 10.06
C HIS C 92 -4.10 -23.46 10.16
N ARG C 93 -3.39 -24.11 9.26
CA ARG C 93 -1.93 -23.96 9.19
C ARG C 93 -1.60 -22.55 8.70
N GLU C 94 -0.88 -21.79 9.51
CA GLU C 94 -0.45 -20.46 9.10
C GLU C 94 0.63 -20.62 8.04
N GLN C 95 0.43 -19.98 6.89
CA GLN C 95 1.33 -20.13 5.77
C GLN C 95 2.54 -19.20 5.81
N ILE C 96 2.44 -18.08 6.53
CA ILE C 96 3.53 -17.10 6.61
C ILE C 96 4.22 -17.24 7.95
N GLY C 97 5.52 -17.52 7.91
CA GLY C 97 6.32 -17.60 9.13
C GLY C 97 6.26 -18.96 9.81
#